data_3FMS
#
_entry.id   3FMS
#
_cell.length_a   85.188
_cell.length_b   71.718
_cell.length_c   43.323
_cell.angle_alpha   90.000
_cell.angle_beta   104.590
_cell.angle_gamma   90.000
#
_symmetry.space_group_name_H-M   'C 1 2 1'
#
loop_
_entity.id
_entity.type
_entity.pdbx_description
1 polymer 'Transcriptional regulator, GntR family'
2 non-polymer 'NICKEL (II) ION'
3 non-polymer 'ACETATE ION'
4 water water
#
_entity_poly.entity_id   1
_entity_poly.type   'polypeptide(L)'
_entity_poly.pdbx_seq_one_letter_code
;VDLVRTKVYNLLKE(MSE)ILNHELKLGEKLNVRELSEKLGISFTPVRDALLQLATEGLVKVVPRVGFFVTDVDEKFIRE
TIETRI(MSE)(MSE)EVFCLENYFDKIAGSEELLEIKGEIDDVAASAAREIFDDSDERLHKLFIRASGNELIISLYEKI
WDRIDLVRHLNERYVVSNREHKELIERIISGDKEGAIEKLKEHLKNVEAETIKNLYTYERS
;
_entity_poly.pdbx_strand_id   A
#
loop_
_chem_comp.id
_chem_comp.type
_chem_comp.name
_chem_comp.formula
ACT non-polymer 'ACETATE ION' 'C2 H3 O2 -1'
NI non-polymer 'NICKEL (II) ION' 'Ni 2'
#
# COMPACT_ATOMS: atom_id res chain seq x y z
N VAL A 1 3.35 6.50 -18.86
CA VAL A 1 3.46 7.46 -17.75
C VAL A 1 3.39 6.83 -16.35
N ASP A 2 2.22 6.22 -16.04
CA ASP A 2 2.09 5.35 -14.87
C ASP A 2 3.15 4.28 -14.95
N LEU A 3 3.69 4.11 -16.15
CA LEU A 3 4.50 2.96 -16.47
C LEU A 3 5.89 3.26 -15.91
N VAL A 4 6.43 4.40 -16.31
CA VAL A 4 7.68 4.89 -15.80
C VAL A 4 7.63 5.16 -14.29
N ARG A 5 6.53 5.68 -13.76
CA ARG A 5 6.44 6.07 -12.38
C ARG A 5 6.52 4.80 -11.60
N THR A 6 5.86 3.79 -12.13
CA THR A 6 5.83 2.51 -11.42
C THR A 6 7.22 1.78 -11.35
N LYS A 7 7.99 1.83 -12.42
CA LYS A 7 9.37 1.34 -12.38
C LYS A 7 10.22 2.18 -11.47
N VAL A 8 10.07 3.51 -11.52
CA VAL A 8 10.86 4.36 -10.63
C VAL A 8 10.50 4.04 -9.20
N TYR A 9 9.21 3.98 -8.96
CA TYR A 9 8.69 3.68 -7.64
C TYR A 9 9.12 2.31 -7.11
N ASN A 10 8.99 1.32 -7.96
CA ASN A 10 9.41 -0.01 -7.60
C ASN A 10 10.91 -0.07 -7.25
N LEU A 11 11.74 0.65 -7.99
CA LEU A 11 13.18 0.65 -7.64
C LEU A 11 13.37 1.30 -6.28
N LEU A 12 12.69 2.43 -6.08
CA LEU A 12 12.86 3.14 -4.83
C LEU A 12 12.44 2.30 -3.64
N LYS A 13 11.31 1.62 -3.77
CA LYS A 13 10.84 0.67 -2.72
C LYS A 13 11.83 -0.43 -2.48
N GLU A 14 12.30 -1.05 -3.55
CA GLU A 14 13.25 -2.12 -3.38
C GLU A 14 14.48 -1.69 -2.59
N MSE A 15 14.96 -0.49 -2.82
CA MSE A 15 16.19 -0.03 -2.16
C MSE A 15 15.95 0.48 -0.76
O MSE A 15 16.81 0.43 0.13
CB MSE A 15 16.81 1.08 -2.97
CG MSE A 15 17.22 0.71 -4.33
SE MSE A 15 17.88 2.39 -5.31
CE MSE A 15 19.70 2.48 -4.44
H MSE A 15 14.60 0.10 -3.35
HA MSE A 15 16.84 -0.78 -2.14
HB2 MSE A 15 16.16 1.80 -3.04
HB3 MSE A 15 17.60 1.40 -2.50
HG2 MSE A 15 17.94 0.07 -4.29
HG3 MSE A 15 16.46 0.35 -4.81
HE1 MSE A 15 20.17 3.24 -4.80
HE2 MSE A 15 19.59 2.58 -3.49
HE3 MSE A 15 20.18 1.67 -4.63
N ILE A 16 14.74 0.95 -0.53
CA ILE A 16 14.42 1.27 0.88
C ILE A 16 14.30 0.00 1.72
N LEU A 17 13.61 -1.00 1.21
CA LEU A 17 13.40 -2.28 1.92
C LEU A 17 14.69 -3.09 2.07
N ASN A 18 15.63 -2.94 1.14
CA ASN A 18 17.00 -3.48 1.29
C ASN A 18 17.95 -2.61 2.15
N HIS A 19 17.46 -1.47 2.59
CA HIS A 19 18.28 -0.56 3.39
C HIS A 19 19.45 0.00 2.59
N GLU A 20 19.33 -0.05 1.28
CA GLU A 20 20.24 0.71 0.45
C GLU A 20 20.01 2.20 0.42
N LEU A 21 18.77 2.61 0.62
CA LEU A 21 18.42 4.03 0.64
C LEU A 21 17.81 4.31 1.97
N LYS A 22 18.29 5.35 2.61
CA LYS A 22 17.69 5.84 3.83
C LYS A 22 16.47 6.73 3.62
N LEU A 23 15.65 6.78 4.65
CA LEU A 23 14.50 7.66 4.67
C LEU A 23 15.08 9.08 4.78
N GLY A 24 14.65 10.02 3.93
CA GLY A 24 15.29 11.35 3.89
C GLY A 24 16.45 11.55 2.94
N GLU A 25 16.95 10.46 2.38
CA GLU A 25 18.13 10.49 1.56
C GLU A 25 17.91 11.16 0.23
N LYS A 26 18.91 11.94 -0.18
CA LYS A 26 18.84 12.62 -1.44
C LYS A 26 18.98 11.62 -2.55
N LEU A 27 18.13 11.77 -3.54
CA LEU A 27 18.12 10.91 -4.70
C LEU A 27 19.08 11.43 -5.79
N ASN A 28 19.73 10.49 -6.48
CA ASN A 28 20.61 10.83 -7.58
C ASN A 28 19.91 10.33 -8.82
N VAL A 29 19.43 11.27 -9.61
CA VAL A 29 18.61 10.93 -10.74
C VAL A 29 19.41 10.07 -11.75
N ARG A 30 20.68 10.39 -11.95
CA ARG A 30 21.53 9.62 -12.86
C ARG A 30 21.62 8.17 -12.42
N GLU A 31 21.72 7.97 -11.12
CA GLU A 31 21.79 6.64 -10.61
C GLU A 31 20.51 5.95 -11.00
N LEU A 32 19.37 6.59 -10.79
CA LEU A 32 18.11 5.90 -11.02
C LEU A 32 18.01 5.52 -12.48
N SER A 33 18.48 6.44 -13.30
CA SER A 33 18.44 6.30 -14.75
C SER A 33 19.37 5.13 -15.22
N GLU A 34 20.54 4.96 -14.59
CA GLU A 34 21.48 3.90 -14.93
C GLU A 34 20.85 2.61 -14.57
N LYS A 35 20.22 2.56 -13.41
CA LYS A 35 19.70 1.33 -12.89
C LYS A 35 18.51 0.88 -13.78
N LEU A 36 17.70 1.83 -14.24
CA LEU A 36 16.47 1.47 -14.87
C LEU A 36 16.55 1.42 -16.40
N GLY A 37 17.63 1.92 -16.93
CA GLY A 37 17.73 2.18 -18.35
C GLY A 37 16.72 3.15 -18.90
N ILE A 38 16.34 4.11 -18.09
CA ILE A 38 15.45 5.17 -18.56
C ILE A 38 16.17 6.49 -18.47
N SER A 39 16.10 7.28 -19.54
CA SER A 39 16.53 8.68 -19.57
C SER A 39 16.13 9.61 -18.41
N PHE A 40 16.87 10.71 -18.30
CA PHE A 40 16.73 11.68 -17.19
C PHE A 40 15.39 12.30 -17.09
N THR A 41 14.89 12.80 -18.20
CA THR A 41 13.69 13.59 -18.08
C THR A 41 12.49 12.78 -17.58
N PRO A 42 12.25 11.62 -18.22
CA PRO A 42 11.20 10.75 -17.75
C PRO A 42 11.33 10.37 -16.26
N VAL A 43 12.54 10.05 -15.80
CA VAL A 43 12.73 9.75 -14.36
C VAL A 43 12.33 10.96 -13.49
N ARG A 44 12.80 12.12 -13.90
CA ARG A 44 12.55 13.38 -13.21
C ARG A 44 11.02 13.58 -13.09
N ASP A 45 10.35 13.34 -14.22
CA ASP A 45 8.88 13.48 -14.28
C ASP A 45 8.23 12.45 -13.39
N ALA A 46 8.82 11.27 -13.26
CA ALA A 46 8.21 10.30 -12.38
C ALA A 46 8.37 10.74 -10.95
N LEU A 47 9.53 11.26 -10.67
CA LEU A 47 9.80 11.68 -9.30
C LEU A 47 8.83 12.82 -8.89
N LEU A 48 8.61 13.73 -9.80
CA LEU A 48 7.64 14.81 -9.55
C LEU A 48 6.27 14.23 -9.20
N GLN A 49 5.85 13.24 -9.96
CA GLN A 49 4.61 12.53 -9.62
C GLN A 49 4.66 11.90 -8.24
N LEU A 50 5.76 11.31 -7.89
CA LEU A 50 5.77 10.61 -6.61
C LEU A 50 5.75 11.63 -5.49
N ALA A 51 6.23 12.80 -5.81
CA ALA A 51 6.29 13.91 -4.84
C ALA A 51 4.85 14.33 -4.51
N THR A 52 4.03 14.25 -5.56
CA THR A 52 2.60 14.40 -5.47
C THR A 52 1.92 13.48 -4.52
N GLU A 53 2.43 12.27 -4.32
CA GLU A 53 1.86 11.38 -3.30
C GLU A 53 2.52 11.46 -1.96
N GLY A 54 3.59 12.23 -1.94
CA GLY A 54 4.28 12.55 -0.69
C GLY A 54 5.39 11.59 -0.37
N LEU A 55 5.81 10.82 -1.39
CA LEU A 55 6.91 9.88 -1.32
C LEU A 55 8.27 10.49 -1.54
N VAL A 56 8.28 11.58 -2.30
CA VAL A 56 9.50 12.26 -2.65
C VAL A 56 9.30 13.72 -2.26
N LYS A 57 10.27 14.30 -1.59
CA LYS A 57 10.32 15.73 -1.31
C LYS A 57 11.12 16.39 -2.35
N VAL A 58 10.56 17.44 -2.88
CA VAL A 58 11.22 18.22 -3.92
C VAL A 58 11.73 19.52 -3.36
N VAL A 59 13.03 19.74 -3.53
CA VAL A 59 13.70 20.99 -3.20
C VAL A 59 14.24 21.70 -4.43
N PRO A 60 13.52 22.74 -4.83
CA PRO A 60 13.80 23.32 -6.15
C PRO A 60 15.18 23.87 -6.21
N ARG A 61 15.79 23.68 -7.36
CA ARG A 61 17.17 24.04 -7.58
C ARG A 61 18.08 23.21 -6.69
N VAL A 62 17.55 22.28 -5.89
CA VAL A 62 18.44 21.47 -5.03
C VAL A 62 18.42 19.99 -5.43
N GLY A 63 17.24 19.39 -5.47
CA GLY A 63 17.11 18.01 -5.81
C GLY A 63 15.88 17.41 -5.23
N PHE A 64 15.88 16.09 -5.31
CA PHE A 64 14.79 15.24 -4.84
C PHE A 64 15.33 14.36 -3.75
N PHE A 65 14.51 14.13 -2.75
CA PHE A 65 14.85 13.36 -1.56
C PHE A 65 13.75 12.35 -1.32
N VAL A 66 14.12 11.24 -0.74
CA VAL A 66 13.15 10.26 -0.23
C VAL A 66 12.53 10.89 0.99
N THR A 67 11.20 10.88 1.06
CA THR A 67 10.51 11.33 2.29
C THR A 67 11.05 10.65 3.54
N ASP A 68 11.06 11.41 4.61
CA ASP A 68 11.50 11.00 5.93
C ASP A 68 10.23 10.49 6.63
N VAL A 69 9.76 9.37 6.13
CA VAL A 69 8.56 8.71 6.60
C VAL A 69 8.62 8.43 8.08
N ASP A 70 7.66 9.01 8.80
CA ASP A 70 7.66 9.04 10.25
C ASP A 70 6.27 8.56 10.68
N GLU A 71 5.99 8.63 11.96
CA GLU A 71 4.81 7.96 12.50
C GLU A 71 3.56 8.60 11.95
N LYS A 72 3.64 9.91 11.84
CA LYS A 72 2.54 10.69 11.38
C LYS A 72 2.22 10.37 9.94
N PHE A 73 3.25 10.11 9.16
CA PHE A 73 3.06 9.73 7.75
C PHE A 73 2.38 8.36 7.64
N ILE A 74 2.78 7.44 8.49
CA ILE A 74 2.11 6.18 8.61
C ILE A 74 0.65 6.27 9.10
N ARG A 75 0.47 6.90 10.24
CA ARG A 75 -0.86 7.07 10.83
C ARG A 75 -1.81 7.70 9.83
N GLU A 76 -1.37 8.77 9.18
CA GLU A 76 -2.21 9.46 8.19
C GLU A 76 -2.57 8.59 6.97
N THR A 77 -1.61 7.74 6.52
CA THR A 77 -1.84 6.77 5.51
C THR A 77 -2.91 5.80 5.93
N ILE A 78 -2.79 5.27 7.13
CA ILE A 78 -3.74 4.25 7.56
C ILE A 78 -5.13 4.86 7.82
N GLU A 79 -5.18 6.02 8.45
CA GLU A 79 -6.44 6.60 8.76
C GLU A 79 -7.20 6.98 7.44
N THR A 80 -6.45 7.37 6.42
CA THR A 80 -7.04 7.69 5.15
C THR A 80 -7.68 6.42 4.54
N ARG A 81 -7.03 5.27 4.73
CA ARG A 81 -7.51 4.01 4.19
C ARG A 81 -8.76 3.58 4.95
N ILE A 82 -8.74 3.79 6.25
CA ILE A 82 -9.88 3.44 7.08
C ILE A 82 -11.10 4.22 6.60
N MSE A 83 -10.94 5.50 6.45
CA MSE A 83 -12.04 6.29 5.91
C MSE A 83 -12.62 5.78 4.58
O MSE A 83 -13.82 5.68 4.35
CB MSE A 83 -11.51 7.66 5.71
CG MSE A 83 -12.32 8.54 4.83
SE MSE A 83 -11.59 10.35 4.51
CE MSE A 83 -10.29 10.21 3.11
H MSE A 83 -10.23 5.94 6.62
HA MSE A 83 -12.76 6.34 6.59
HB2 MSE A 83 -11.45 8.10 6.58
HB3 MSE A 83 -10.63 7.59 5.33
HG2 MSE A 83 -12.40 8.10 3.97
HG3 MSE A 83 -13.19 8.64 5.23
HE1 MSE A 83 -9.91 11.07 2.94
HE2 MSE A 83 -9.60 9.60 3.40
HE3 MSE A 83 -10.72 9.87 2.33
N MSE A 84 -11.73 5.46 3.66
CA MSE A 84 -12.21 5.12 2.31
C MSE A 84 -12.70 3.71 2.19
O MSE A 84 -13.78 3.45 1.60
CB MSE A 84 -11.11 5.31 1.30
CG MSE A 84 -10.67 6.74 1.22
SE MSE A 84 -9.29 7.12 -0.13
CE MSE A 84 -10.26 6.77 -1.77
H MSE A 84 -10.89 5.45 3.77
HA MSE A 84 -12.93 5.73 2.06
HB2 MSE A 84 -10.34 4.77 1.55
HB3 MSE A 84 -11.44 5.04 0.42
HG2 MSE A 84 -11.44 7.29 1.01
HG3 MSE A 84 -10.31 7.00 2.09
HE1 MSE A 84 -9.67 6.93 -2.52
HE2 MSE A 84 -10.55 5.86 -1.77
HE3 MSE A 84 -11.01 7.36 -1.82
N GLU A 85 -11.93 2.80 2.74
CA GLU A 85 -12.25 1.39 2.65
C GLU A 85 -13.47 1.02 3.49
N VAL A 86 -13.56 1.62 4.67
CA VAL A 86 -14.70 1.32 5.51
C VAL A 86 -15.95 1.90 4.82
N PHE A 87 -15.85 3.13 4.29
CA PHE A 87 -16.98 3.73 3.60
C PHE A 87 -17.43 2.81 2.46
N CYS A 88 -16.48 2.20 1.73
CA CYS A 88 -16.83 1.35 0.58
C CYS A 88 -17.49 0.01 1.01
N LEU A 89 -16.96 -0.59 2.03
CA LEU A 89 -17.41 -1.87 2.48
C LEU A 89 -18.82 -1.78 3.07
N GLU A 90 -19.01 -0.75 3.88
CA GLU A 90 -20.28 -0.47 4.50
C GLU A 90 -21.37 -0.23 3.48
N ASN A 91 -21.07 0.57 2.48
CA ASN A 91 -22.10 0.96 1.55
C ASN A 91 -22.26 0.12 0.33
N TYR A 92 -21.24 -0.68 0.05
CA TYR A 92 -21.28 -1.57 -1.11
C TYR A 92 -21.13 -3.07 -0.67
N PHE A 93 -21.57 -3.35 0.54
CA PHE A 93 -21.36 -4.64 1.16
C PHE A 93 -21.87 -5.88 0.34
N ASP A 94 -23.13 -5.83 -0.11
CA ASP A 94 -23.73 -6.92 -0.93
C ASP A 94 -23.00 -7.21 -2.22
N LYS A 95 -22.50 -6.15 -2.81
CA LYS A 95 -21.80 -6.23 -4.06
C LYS A 95 -20.43 -6.91 -3.84
N ILE A 96 -19.79 -6.57 -2.73
CA ILE A 96 -18.49 -7.19 -2.38
C ILE A 96 -18.69 -8.72 -2.02
N ALA A 97 -19.64 -8.99 -1.16
CA ALA A 97 -19.96 -10.34 -0.71
C ALA A 97 -20.29 -11.28 -1.86
N GLY A 98 -20.84 -10.73 -2.92
CA GLY A 98 -21.28 -11.52 -4.05
C GLY A 98 -20.28 -11.64 -5.16
N SER A 99 -19.11 -11.09 -5.00
CA SER A 99 -18.22 -11.14 -6.12
C SER A 99 -17.34 -12.40 -6.10
N GLU A 100 -17.15 -12.98 -7.27
CA GLU A 100 -16.39 -14.19 -7.43
C GLU A 100 -14.93 -13.89 -7.01
N GLU A 101 -14.49 -12.67 -7.23
CA GLU A 101 -13.12 -12.26 -6.97
C GLU A 101 -12.73 -12.57 -5.52
N LEU A 102 -13.64 -12.22 -4.66
CA LEU A 102 -13.53 -12.43 -3.23
C LEU A 102 -13.21 -13.88 -2.93
N LEU A 103 -13.76 -14.76 -3.73
CA LEU A 103 -13.54 -16.18 -3.59
C LEU A 103 -12.13 -16.57 -4.07
N GLU A 104 -11.62 -15.96 -5.13
CA GLU A 104 -10.27 -16.25 -5.55
C GLU A 104 -9.18 -15.74 -4.56
N ILE A 105 -9.47 -14.61 -3.96
CA ILE A 105 -8.59 -13.97 -2.97
C ILE A 105 -8.57 -14.90 -1.79
N LYS A 106 -9.73 -15.39 -1.40
CA LYS A 106 -9.83 -16.37 -0.33
C LYS A 106 -8.89 -17.55 -0.59
N GLY A 107 -8.79 -17.99 -1.83
CA GLY A 107 -7.92 -19.11 -2.18
C GLY A 107 -6.45 -18.80 -1.97
N GLU A 108 -6.01 -17.63 -2.44
CA GLU A 108 -4.66 -17.13 -2.11
C GLU A 108 -4.39 -17.02 -0.63
N ILE A 109 -5.38 -16.60 0.10
CA ILE A 109 -5.21 -16.41 1.54
C ILE A 109 -4.89 -17.71 2.23
N ASP A 110 -5.74 -18.71 1.96
CA ASP A 110 -5.46 -20.10 2.35
C ASP A 110 -4.03 -20.62 1.89
N ASP A 111 -3.52 -20.20 0.74
CA ASP A 111 -2.17 -20.63 0.33
C ASP A 111 -1.10 -20.03 1.20
N VAL A 112 -1.30 -18.77 1.59
CA VAL A 112 -0.32 -18.05 2.40
C VAL A 112 -0.28 -18.65 3.80
N ALA A 113 -1.45 -19.02 4.30
CA ALA A 113 -1.53 -19.56 5.64
C ALA A 113 -0.73 -20.87 5.74
N ALA A 114 -0.49 -21.48 4.57
CA ALA A 114 0.20 -22.74 4.48
C ALA A 114 1.67 -22.54 4.03
N SER A 115 1.90 -21.65 3.06
CA SER A 115 3.21 -21.45 2.44
C SER A 115 3.99 -20.23 2.95
N ALA A 116 3.27 -19.15 3.28
CA ALA A 116 3.87 -17.89 3.73
C ALA A 116 4.71 -17.24 2.65
N ALA A 117 4.29 -17.36 1.39
CA ALA A 117 5.00 -16.75 0.26
C ALA A 117 4.57 -15.29 0.16
N ARG A 118 5.53 -14.41 0.31
CA ARG A 118 5.26 -12.99 0.46
C ARG A 118 4.59 -12.42 -0.79
N GLU A 119 4.84 -12.99 -1.95
CA GLU A 119 4.36 -12.40 -3.21
C GLU A 119 2.88 -12.67 -3.36
N ILE A 120 2.49 -13.85 -2.93
CA ILE A 120 1.09 -14.24 -2.92
C ILE A 120 0.35 -13.41 -1.85
N PHE A 121 1.03 -13.05 -0.73
CA PHE A 121 0.40 -12.21 0.27
C PHE A 121 0.15 -10.85 -0.33
N ASP A 122 1.17 -10.27 -0.97
CA ASP A 122 1.06 -8.94 -1.51
C ASP A 122 -0.03 -8.90 -2.54
N ASP A 123 -0.08 -9.89 -3.42
CA ASP A 123 -1.11 -9.91 -4.45
C ASP A 123 -2.49 -9.99 -3.80
N SER A 124 -2.69 -10.95 -2.91
CA SER A 124 -4.00 -11.11 -2.27
C SER A 124 -4.43 -9.91 -1.39
N ASP A 125 -3.46 -9.37 -0.67
CA ASP A 125 -3.62 -8.13 0.13
C ASP A 125 -4.13 -6.92 -0.72
N GLU A 126 -3.49 -6.70 -1.86
CA GLU A 126 -3.86 -5.61 -2.76
C GLU A 126 -5.23 -5.85 -3.33
N ARG A 127 -5.50 -7.08 -3.71
CA ARG A 127 -6.76 -7.35 -4.37
C ARG A 127 -7.94 -7.16 -3.44
N LEU A 128 -7.78 -7.56 -2.18
CA LEU A 128 -8.88 -7.51 -1.25
C LEU A 128 -9.22 -6.09 -0.93
N HIS A 129 -8.20 -5.31 -0.61
CA HIS A 129 -8.44 -3.93 -0.19
C HIS A 129 -8.97 -3.12 -1.38
N LYS A 130 -8.37 -3.31 -2.57
CA LYS A 130 -8.85 -2.67 -3.79
C LYS A 130 -10.26 -3.10 -4.22
N LEU A 131 -10.63 -4.37 -4.01
CA LEU A 131 -12.01 -4.80 -4.25
C LEU A 131 -13.02 -3.93 -3.51
N PHE A 132 -12.76 -3.63 -2.24
CA PHE A 132 -13.68 -2.77 -1.48
C PHE A 132 -13.90 -1.47 -2.21
N ILE A 133 -12.80 -0.83 -2.61
CA ILE A 133 -12.83 0.47 -3.29
C ILE A 133 -13.61 0.36 -4.67
N ARG A 134 -13.25 -0.66 -5.43
CA ARG A 134 -13.68 -0.83 -6.80
C ARG A 134 -15.13 -1.13 -6.75
N ALA A 135 -15.62 -1.73 -5.67
CA ALA A 135 -17.03 -2.11 -5.66
C ALA A 135 -17.96 -0.93 -5.57
N SER A 136 -17.44 0.23 -5.14
CA SER A 136 -18.22 1.48 -5.12
C SER A 136 -18.73 1.84 -6.49
N GLY A 137 -17.99 1.48 -7.50
CA GLY A 137 -18.29 1.99 -8.82
C GLY A 137 -18.13 3.49 -8.98
N ASN A 138 -17.46 4.15 -8.04
CA ASN A 138 -17.35 5.61 -8.00
C ASN A 138 -15.92 5.91 -8.50
N GLU A 139 -15.83 6.39 -9.71
CA GLU A 139 -14.58 6.55 -10.34
C GLU A 139 -13.72 7.64 -9.70
N LEU A 140 -14.33 8.58 -9.00
CA LEU A 140 -13.57 9.65 -8.28
C LEU A 140 -12.90 8.97 -7.10
N ILE A 141 -13.70 8.21 -6.33
CA ILE A 141 -13.15 7.47 -5.20
C ILE A 141 -12.02 6.58 -5.59
N ILE A 142 -12.30 5.80 -6.62
CA ILE A 142 -11.34 4.78 -7.10
C ILE A 142 -10.04 5.47 -7.57
N SER A 143 -10.16 6.63 -8.21
CA SER A 143 -8.97 7.39 -8.66
C SER A 143 -8.26 8.07 -7.46
N LEU A 144 -8.99 8.42 -6.42
CA LEU A 144 -8.27 8.97 -5.28
C LEU A 144 -7.35 7.90 -4.65
N TYR A 145 -7.87 6.67 -4.59
CA TYR A 145 -7.17 5.58 -3.93
C TYR A 145 -5.97 5.20 -4.78
N GLU A 146 -6.21 5.08 -6.11
CA GLU A 146 -5.15 4.83 -7.08
C GLU A 146 -4.05 5.86 -7.02
N LYS A 147 -4.44 7.13 -6.87
CA LYS A 147 -3.48 8.20 -6.73
C LYS A 147 -2.50 8.05 -5.53
N ILE A 148 -2.91 7.37 -4.48
CA ILE A 148 -2.09 7.26 -3.32
C ILE A 148 -1.67 5.83 -3.12
N TRP A 149 -1.85 5.03 -4.15
CA TRP A 149 -1.61 3.59 -4.02
C TRP A 149 -0.13 3.36 -3.72
N ASP A 150 0.76 4.06 -4.41
CA ASP A 150 2.19 3.84 -4.19
C ASP A 150 2.58 4.07 -2.71
N ARG A 151 2.02 5.12 -2.10
CA ARG A 151 2.16 5.44 -0.70
C ARG A 151 1.60 4.32 0.12
N ILE A 152 0.39 3.88 -0.20
CA ILE A 152 -0.18 2.68 0.51
C ILE A 152 0.74 1.50 0.40
N ASP A 153 1.29 1.32 -0.76
CA ASP A 153 2.09 0.09 -0.98
C ASP A 153 3.35 0.13 -0.22
N LEU A 154 4.00 1.28 -0.18
CA LEU A 154 5.24 1.36 0.55
C LEU A 154 5.01 1.18 2.03
N VAL A 155 3.99 1.86 2.53
CA VAL A 155 3.62 1.70 3.93
C VAL A 155 3.33 0.24 4.30
N ARG A 156 2.53 -0.48 3.48
CA ARG A 156 2.24 -1.94 3.61
C ARG A 156 3.50 -2.73 3.89
N HIS A 157 4.54 -2.38 3.17
CA HIS A 157 5.81 -3.12 3.28
C HIS A 157 6.74 -2.79 4.43
N LEU A 158 6.40 -1.80 5.22
CA LEU A 158 7.28 -1.36 6.27
C LEU A 158 6.97 -2.14 7.51
N ASN A 159 6.05 -3.11 7.47
CA ASN A 159 5.98 -4.12 8.55
C ASN A 159 6.27 -5.54 8.05
N GLU A 160 6.53 -6.43 9.00
CA GLU A 160 6.99 -7.78 8.75
C GLU A 160 6.00 -8.88 9.17
N ARG A 161 4.82 -8.50 9.61
CA ARG A 161 3.89 -9.49 10.18
C ARG A 161 2.79 -9.89 9.20
N TYR A 162 3.20 -10.25 8.01
CA TYR A 162 2.25 -10.43 6.94
C TYR A 162 1.43 -11.69 7.15
N VAL A 163 2.01 -12.66 7.82
CA VAL A 163 1.21 -13.86 8.09
C VAL A 163 0.07 -13.62 9.07
N VAL A 164 0.29 -12.79 10.09
CA VAL A 164 -0.79 -12.41 10.94
C VAL A 164 -1.85 -11.59 10.19
N SER A 165 -1.38 -10.71 9.33
CA SER A 165 -2.27 -9.96 8.43
C SER A 165 -3.03 -10.87 7.53
N ASN A 166 -2.38 -11.92 7.08
CA ASN A 166 -3.09 -12.89 6.29
C ASN A 166 -4.26 -13.48 7.04
N ARG A 167 -4.08 -13.77 8.33
CA ARG A 167 -5.13 -14.41 9.12
C ARG A 167 -6.27 -13.40 9.32
N GLU A 168 -5.94 -12.14 9.60
CA GLU A 168 -6.94 -11.10 9.69
C GLU A 168 -7.78 -10.91 8.42
N HIS A 169 -7.14 -10.95 7.27
CA HIS A 169 -7.90 -10.90 6.05
C HIS A 169 -8.87 -12.09 5.99
N LYS A 170 -8.39 -13.26 6.37
CA LYS A 170 -9.21 -14.46 6.35
C LYS A 170 -10.50 -14.27 7.16
N GLU A 171 -10.31 -13.84 8.38
CA GLU A 171 -11.45 -13.59 9.23
C GLU A 171 -12.40 -12.50 8.65
N LEU A 172 -11.86 -11.50 7.98
CA LEU A 172 -12.66 -10.46 7.35
C LEU A 172 -13.56 -11.03 6.30
N ILE A 173 -12.92 -11.73 5.43
CA ILE A 173 -13.66 -12.34 4.36
C ILE A 173 -14.73 -13.27 4.92
N GLU A 174 -14.39 -13.99 5.99
CA GLU A 174 -15.37 -14.90 6.60
C GLU A 174 -16.57 -14.17 7.13
N ARG A 175 -16.35 -13.05 7.82
CA ARG A 175 -17.43 -12.20 8.24
C ARG A 175 -18.26 -11.70 7.05
N ILE A 176 -17.60 -11.32 5.97
CA ILE A 176 -18.29 -10.80 4.83
C ILE A 176 -19.21 -11.86 4.14
N ILE A 177 -18.67 -13.02 3.88
CA ILE A 177 -19.41 -14.14 3.32
C ILE A 177 -20.63 -14.60 4.18
N SER A 178 -20.49 -14.46 5.47
CA SER A 178 -21.57 -14.67 6.42
C SER A 178 -22.61 -13.54 6.50
N GLY A 179 -22.44 -12.49 5.72
CA GLY A 179 -23.38 -11.38 5.80
C GLY A 179 -23.38 -10.65 7.14
N ASP A 180 -22.30 -10.84 7.88
CA ASP A 180 -22.09 -10.08 9.09
C ASP A 180 -21.45 -8.73 8.72
N LYS A 181 -22.27 -7.83 8.25
CA LYS A 181 -21.74 -6.56 7.80
C LYS A 181 -21.04 -5.83 8.92
N GLU A 182 -21.59 -5.88 10.13
CA GLU A 182 -21.06 -5.02 11.17
C GLU A 182 -19.77 -5.60 11.70
N GLY A 183 -19.78 -6.92 11.81
CA GLY A 183 -18.61 -7.68 12.17
C GLY A 183 -17.42 -7.47 11.22
N ALA A 184 -17.75 -7.41 9.94
CA ALA A 184 -16.78 -7.21 8.89
C ALA A 184 -16.13 -5.82 9.01
N ILE A 185 -16.95 -4.83 9.23
CA ILE A 185 -16.48 -3.46 9.32
C ILE A 185 -15.49 -3.32 10.50
N GLU A 186 -15.88 -3.87 11.62
CA GLU A 186 -15.10 -3.80 12.86
C GLU A 186 -13.81 -4.56 12.69
N LYS A 187 -13.91 -5.66 12.00
CA LYS A 187 -12.72 -6.40 11.70
C LYS A 187 -11.73 -5.67 10.77
N LEU A 188 -12.26 -4.89 9.82
CA LEU A 188 -11.39 -4.11 8.88
C LEU A 188 -10.70 -3.00 9.66
N LYS A 189 -11.45 -2.30 10.52
CA LYS A 189 -10.86 -1.25 11.38
C LYS A 189 -9.77 -1.88 12.23
N GLU A 190 -10.10 -3.00 12.82
CA GLU A 190 -9.19 -3.66 13.70
C GLU A 190 -7.93 -4.09 13.00
N HIS A 191 -8.09 -4.63 11.79
CA HIS A 191 -6.94 -5.06 11.00
C HIS A 191 -6.00 -3.90 10.65
N LEU A 192 -6.55 -2.82 10.18
CA LEU A 192 -5.75 -1.67 9.80
C LEU A 192 -5.09 -0.98 10.95
N LYS A 193 -5.79 -0.88 12.07
CA LYS A 193 -5.23 -0.26 13.28
C LYS A 193 -4.14 -1.15 13.85
N ASN A 194 -4.33 -2.47 13.74
CA ASN A 194 -3.30 -3.41 14.11
C ASN A 194 -2.06 -3.30 13.26
N VAL A 195 -2.23 -3.35 11.94
CA VAL A 195 -1.14 -3.09 10.99
C VAL A 195 -0.39 -1.75 11.32
N GLU A 196 -1.14 -0.71 11.62
CA GLU A 196 -0.58 0.59 11.92
C GLU A 196 0.29 0.56 13.16
N ALA A 197 -0.19 -0.07 14.24
CA ALA A 197 0.60 -0.20 15.45
C ALA A 197 1.85 -1.01 15.18
N GLU A 198 1.78 -2.00 14.32
CA GLU A 198 2.97 -2.83 14.14
C GLU A 198 4.00 -2.18 13.27
N THR A 199 3.53 -1.40 12.32
CA THR A 199 4.38 -0.66 11.44
C THR A 199 5.18 0.42 12.22
N ILE A 200 4.49 1.13 13.10
CA ILE A 200 5.08 2.21 13.87
C ILE A 200 6.23 1.60 14.69
N LYS A 201 5.98 0.45 15.28
CA LYS A 201 7.03 -0.26 16.00
C LYS A 201 8.17 -0.70 15.14
N ASN A 202 7.92 -1.09 13.92
CA ASN A 202 9.02 -1.61 13.09
C ASN A 202 9.87 -0.51 12.55
N LEU A 203 9.41 0.71 12.74
CA LEU A 203 9.90 1.80 11.88
C LEU A 203 11.35 2.17 12.16
N TYR A 204 11.74 2.02 13.41
CA TYR A 204 13.09 2.33 13.84
C TYR A 204 14.10 1.39 13.20
N THR A 205 13.63 0.33 12.55
CA THR A 205 14.57 -0.56 11.89
C THR A 205 15.01 0.01 10.57
N TYR A 206 14.38 1.12 10.19
CA TYR A 206 14.77 1.78 8.96
C TYR A 206 15.72 2.99 9.23
N GLU A 207 16.83 3.02 8.50
CA GLU A 207 17.86 4.08 8.61
C GLU A 207 17.28 5.48 8.46
N ARG A 208 17.42 6.30 9.51
CA ARG A 208 16.81 7.67 9.68
C ARG A 208 15.36 7.70 10.28
N SER A 209 14.63 8.81 10.07
CA SER A 209 13.23 9.02 10.54
C SER A 209 12.98 8.94 12.05
NI NI B . -4.74 -5.86 4.70
C ACT C . -2.37 -4.05 4.42
O ACT C . -1.95 -3.15 5.19
OXT ACT C . -2.74 -3.77 3.22
CH3 ACT C . -2.44 -5.35 5.09
H1 ACT C . -2.85 -6.08 4.41
H2 ACT C . -3.07 -5.27 5.97
H3 ACT C . -1.43 -5.66 5.38
C ACT D . 14.96 20.49 -9.29
O ACT D . 14.83 19.67 -8.36
OXT ACT D . 14.97 21.71 -8.99
CH3 ACT D . 15.08 20.04 -10.70
H1 ACT D . 15.16 20.91 -11.35
H2 ACT D . 14.19 19.46 -10.98
H3 ACT D . 15.97 19.42 -10.81
#